data_1ZGH
#
_entry.id   1ZGH
#
_cell.length_a   85.396
_cell.length_b   85.396
_cell.length_c   104.270
_cell.angle_alpha   90.00
_cell.angle_beta   90.00
_cell.angle_gamma   90.00
#
_symmetry.space_group_name_H-M   'P 42 21 2'
#
loop_
_entity.id
_entity.type
_entity.pdbx_description
1 polymer 'Methionyl-tRNA formyltransferase'
2 non-polymer 'UNKNOWN ATOM OR ION'
3 water water
#
_entity_poly.entity_id   1
_entity_poly.type   'polypeptide(L)'
_entity_poly.pdbx_seq_one_letter_code
;(MSE)GSSHHHHHHSSGLVPRGSQSTSLYKKAGL(MSE)NIIIATTKSWNIKNAQKFKKENESKYNTTIITNKDELTFEK
VKLINPEYILFPHWSWIIPKEIFENFTCVVFH(MSE)TDLPFGRGGSPLQNLIERGIKKTKISAIKVDGGIDTGDIFFKR
DLDLYGTAEEIF(MSE)RASKIIFND(MSE)IPELLTKRPVPQKQEGEATVFQRRKPEQSEISPDFDLEKIYDYIR
(MSE)LDGEGYPRAFIKYGKYRLEFSRAS(MSE)KNGKIIADVEIIEGDENE
;
_entity_poly.pdbx_strand_id   A
#
loop_
_chem_comp.id
_chem_comp.type
_chem_comp.name
_chem_comp.formula
UNX non-polymer 'UNKNOWN ATOM OR ION' ?
#
# COMPACT_ATOMS: atom_id res chain seq x y z
N LEU A 30 25.95 9.13 -4.55
CA LEU A 30 26.56 9.71 -3.33
C LEU A 30 25.68 9.58 -2.08
N MSE A 31 24.36 9.68 -2.21
CA MSE A 31 23.47 9.51 -1.05
C MSE A 31 23.09 8.04 -0.91
O MSE A 31 22.70 7.41 -1.88
CB MSE A 31 22.22 10.39 -1.17
CG MSE A 31 21.28 10.32 0.02
SE MSE A 31 19.51 11.12 -0.39
CE MSE A 31 19.99 12.95 0.02
N ASN A 32 23.20 7.50 0.30
CA ASN A 32 22.84 6.11 0.58
C ASN A 32 21.34 6.07 0.90
N ILE A 33 20.58 5.27 0.16
CA ILE A 33 19.19 5.00 0.55
C ILE A 33 18.86 3.52 0.59
N ILE A 34 17.81 3.21 1.35
CA ILE A 34 17.22 1.89 1.33
C ILE A 34 15.80 2.03 0.80
N ILE A 35 15.44 1.15 -0.12
CA ILE A 35 14.05 0.90 -0.48
C ILE A 35 13.63 -0.47 0.07
N ALA A 36 12.72 -0.44 1.04
CA ALA A 36 12.20 -1.68 1.61
C ALA A 36 10.77 -1.86 1.13
N THR A 37 10.54 -2.87 0.33
CA THR A 37 9.19 -3.05 -0.25
C THR A 37 8.94 -4.50 -0.56
N THR A 38 7.65 -4.84 -0.62
CA THR A 38 7.18 -6.09 -1.15
C THR A 38 6.18 -5.84 -2.29
N LYS A 39 5.77 -6.93 -2.91
CA LYS A 39 4.93 -7.01 -4.11
C LYS A 39 5.75 -6.88 -5.36
N SER A 40 5.47 -7.74 -6.33
CA SER A 40 6.28 -7.83 -7.52
C SER A 40 6.46 -6.48 -8.22
N TRP A 41 5.38 -5.69 -8.32
CA TRP A 41 5.47 -4.43 -9.11
C TRP A 41 6.39 -3.41 -8.40
N ASN A 42 6.35 -3.38 -7.07
CA ASN A 42 7.19 -2.45 -6.30
C ASN A 42 8.64 -2.84 -6.40
N ILE A 43 8.92 -4.15 -6.33
CA ILE A 43 10.29 -4.64 -6.46
C ILE A 43 10.87 -4.33 -7.84
N LYS A 44 10.08 -4.58 -8.88
CA LYS A 44 10.47 -4.26 -10.25
C LYS A 44 10.79 -2.77 -10.33
N ASN A 45 9.91 -1.92 -9.77
CA ASN A 45 10.05 -0.47 -9.87
C ASN A 45 11.28 0.03 -9.08
N ALA A 46 11.60 -0.66 -7.99
CA ALA A 46 12.76 -0.35 -7.19
C ALA A 46 14.03 -0.72 -7.91
N GLN A 47 14.05 -1.88 -8.56
CA GLN A 47 15.23 -2.31 -9.38
C GLN A 47 15.49 -1.33 -10.53
N LYS A 48 14.40 -0.91 -11.18
CA LYS A 48 14.47 0.09 -12.25
C LYS A 48 15.01 1.41 -11.72
N PHE A 49 14.49 1.85 -10.56
CA PHE A 49 14.93 3.10 -9.94
C PHE A 49 16.42 3.03 -9.57
N LYS A 50 16.85 1.89 -9.04
CA LYS A 50 18.28 1.72 -8.66
C LYS A 50 19.21 1.84 -9.88
N LYS A 51 18.85 1.15 -10.96
CA LYS A 51 19.61 1.20 -12.21
C LYS A 51 19.64 2.61 -12.82
N GLU A 52 18.48 3.26 -12.91
CA GLU A 52 18.43 4.58 -13.53
C GLU A 52 19.16 5.67 -12.74
N ASN A 53 19.31 5.49 -11.43
CA ASN A 53 19.91 6.53 -10.61
C ASN A 53 21.26 6.17 -10.00
N GLU A 54 21.97 5.22 -10.60
CA GLU A 54 23.33 4.84 -10.15
C GLU A 54 24.24 6.03 -9.83
N SER A 55 24.11 7.12 -10.58
CA SER A 55 25.03 8.28 -10.45
C SER A 55 24.75 9.11 -9.20
N LYS A 56 23.48 9.14 -8.78
CA LYS A 56 23.05 9.98 -7.66
C LYS A 56 22.98 9.21 -6.35
N TYR A 57 22.46 7.97 -6.40
CA TYR A 57 22.13 7.20 -5.18
C TYR A 57 22.81 5.85 -5.15
N ASN A 58 23.27 5.40 -3.97
CA ASN A 58 23.56 3.98 -3.76
C ASN A 58 22.31 3.44 -3.13
N THR A 59 21.58 2.64 -3.91
CA THR A 59 20.29 2.11 -3.52
C THR A 59 20.43 0.65 -3.09
N THR A 60 20.02 0.37 -1.85
CA THR A 60 19.89 -1.01 -1.37
C THR A 60 18.40 -1.38 -1.32
N ILE A 61 18.04 -2.49 -1.97
CA ILE A 61 16.67 -2.96 -2.01
C ILE A 61 16.54 -4.11 -1.01
N ILE A 62 15.58 -3.96 -0.09
CA ILE A 62 15.30 -4.96 0.92
C ILE A 62 13.88 -5.46 0.74
N THR A 63 13.71 -6.78 0.67
CA THR A 63 12.38 -7.35 0.39
C THR A 63 11.87 -8.34 1.45
N ASN A 64 12.70 -8.65 2.44
CA ASN A 64 12.37 -9.64 3.48
C ASN A 64 12.48 -9.01 4.86
N LYS A 65 11.49 -9.30 5.70
CA LYS A 65 11.50 -8.88 7.11
C LYS A 65 12.87 -9.00 7.78
N ASP A 66 13.52 -10.15 7.56
CA ASP A 66 14.76 -10.47 8.27
C ASP A 66 15.99 -9.64 7.85
N GLU A 67 15.92 -9.01 6.67
CA GLU A 67 16.97 -8.14 6.14
C GLU A 67 16.89 -6.73 6.75
N LEU A 68 15.75 -6.40 7.36
CA LEU A 68 15.59 -5.05 7.95
C LEU A 68 15.79 -5.05 9.45
N THR A 69 17.04 -5.20 9.86
CA THR A 69 17.39 -5.19 11.28
C THR A 69 18.30 -4.00 11.54
N PHE A 70 18.28 -3.49 12.77
CA PHE A 70 19.13 -2.38 13.17
C PHE A 70 20.60 -2.65 12.89
N GLU A 71 21.05 -3.87 13.17
CA GLU A 71 22.45 -4.23 12.97
C GLU A 71 22.84 -4.23 11.49
N LYS A 72 21.94 -4.65 10.60
CA LYS A 72 22.20 -4.60 9.16
C LYS A 72 22.06 -3.20 8.54
N VAL A 73 21.03 -2.48 8.95
CA VAL A 73 20.74 -1.12 8.46
C VAL A 73 21.85 -0.11 8.86
N LYS A 74 22.41 -0.23 10.06
CA LYS A 74 23.43 0.70 10.54
C LYS A 74 24.68 0.64 9.66
N LEU A 75 24.95 -0.52 9.07
CA LEU A 75 26.13 -0.71 8.23
C LEU A 75 25.97 -0.04 6.87
N ILE A 76 24.72 0.17 6.47
CA ILE A 76 24.36 0.81 5.19
C ILE A 76 24.39 2.33 5.37
N ASN A 77 24.05 2.78 6.58
CA ASN A 77 24.02 4.19 6.92
C ASN A 77 23.15 5.04 5.99
N PRO A 78 21.87 4.65 5.84
CA PRO A 78 21.01 5.38 4.90
C PRO A 78 20.64 6.80 5.33
N GLU A 79 20.50 7.69 4.37
CA GLU A 79 19.91 9.01 4.59
C GLU A 79 18.36 8.93 4.69
N TYR A 80 17.78 8.05 3.87
CA TYR A 80 16.34 7.76 3.89
C TYR A 80 16.12 6.27 3.76
N ILE A 81 15.10 5.77 4.46
CA ILE A 81 14.62 4.42 4.23
C ILE A 81 13.18 4.61 3.74
N LEU A 82 12.92 4.13 2.52
CA LEU A 82 11.69 4.37 1.80
C LEU A 82 10.88 3.08 1.79
N PHE A 83 9.60 3.15 2.16
CA PHE A 83 8.73 1.97 2.22
C PHE A 83 7.52 2.12 1.25
N PRO A 84 7.67 1.78 -0.05
CA PRO A 84 6.50 1.86 -0.95
C PRO A 84 5.35 0.96 -0.53
N HIS A 85 5.68 -0.25 -0.09
CA HIS A 85 4.74 -1.15 0.56
C HIS A 85 5.46 -2.10 1.48
N TRP A 86 5.09 -2.09 2.73
CA TRP A 86 5.78 -2.94 3.69
C TRP A 86 4.79 -3.49 4.68
N SER A 87 4.94 -4.79 4.90
CA SER A 87 3.93 -5.64 5.52
C SER A 87 4.08 -5.70 7.04
N TRP A 88 5.32 -5.59 7.51
CA TRP A 88 5.62 -5.81 8.91
C TRP A 88 5.81 -4.52 9.71
N ILE A 89 5.70 -4.63 11.03
CA ILE A 89 5.99 -3.54 11.97
C ILE A 89 7.45 -3.16 11.82
N ILE A 90 7.69 -1.86 11.67
CA ILE A 90 9.08 -1.34 11.58
C ILE A 90 9.65 -1.18 12.99
N PRO A 91 10.77 -1.88 13.32
CA PRO A 91 11.36 -1.80 14.64
C PRO A 91 11.69 -0.38 15.08
N LYS A 92 11.56 -0.14 16.37
CA LYS A 92 11.79 1.17 16.98
C LYS A 92 13.24 1.59 16.80
N GLU A 93 14.18 0.66 16.98
CA GLU A 93 15.59 0.97 16.79
C GLU A 93 15.91 1.45 15.37
N ILE A 94 15.06 1.11 14.41
CA ILE A 94 15.20 1.64 13.07
C ILE A 94 14.52 3.02 12.88
N PHE A 95 13.24 3.18 13.19
CA PHE A 95 12.61 4.48 12.91
C PHE A 95 13.08 5.61 13.83
N GLU A 96 13.68 5.28 14.96
CA GLU A 96 14.23 6.31 15.84
C GLU A 96 15.64 6.76 15.45
N ASN A 97 16.32 5.98 14.60
CA ASN A 97 17.70 6.27 14.26
C ASN A 97 17.92 6.63 12.81
N PHE A 98 16.89 6.46 11.98
CA PHE A 98 16.98 6.74 10.54
C PHE A 98 15.63 7.33 10.11
N THR A 99 15.67 8.16 9.07
CA THR A 99 14.47 8.78 8.56
C THR A 99 13.73 7.77 7.71
N CYS A 100 12.65 7.27 8.27
CA CYS A 100 11.84 6.26 7.62
C CYS A 100 10.64 6.93 7.00
N VAL A 101 10.41 6.65 5.71
CA VAL A 101 9.32 7.25 4.93
C VAL A 101 8.33 6.19 4.46
N VAL A 102 7.12 6.23 5.00
CA VAL A 102 6.03 5.38 4.56
C VAL A 102 5.11 6.16 3.62
N PHE A 103 4.50 5.47 2.67
CA PHE A 103 3.61 6.05 1.69
C PHE A 103 2.22 5.51 1.93
N HIS A 104 1.38 6.30 2.60
CA HIS A 104 0.09 5.81 3.10
C HIS A 104 -1.03 6.42 2.26
N MSE A 105 -1.89 5.58 1.67
CA MSE A 105 -2.80 6.07 0.61
C MSE A 105 -4.08 6.71 1.10
O MSE A 105 -5.13 6.56 0.49
CB MSE A 105 -3.08 4.96 -0.41
CG MSE A 105 -3.87 3.80 0.07
SE MSE A 105 -4.63 2.83 -1.54
CE MSE A 105 -3.01 2.40 -2.43
N THR A 106 -4.00 7.45 2.20
CA THR A 106 -5.13 8.27 2.61
C THR A 106 -4.69 9.73 2.80
N ASP A 107 -5.70 10.58 2.80
CA ASP A 107 -5.55 12.00 3.00
C ASP A 107 -5.46 12.29 4.52
N LEU A 108 -4.30 11.97 5.10
CA LEU A 108 -4.11 12.00 6.57
C LEU A 108 -4.34 13.39 7.15
N PRO A 109 -4.92 13.49 8.37
CA PRO A 109 -5.24 12.45 9.37
C PRO A 109 -6.51 11.61 9.14
N PHE A 110 -7.23 11.83 8.02
CA PHE A 110 -8.29 10.90 7.63
C PHE A 110 -7.66 9.55 7.24
N GLY A 111 -8.17 8.47 7.82
CA GLY A 111 -7.82 7.12 7.38
C GLY A 111 -6.48 6.62 7.84
N ARG A 112 -6.09 6.99 9.05
CA ARG A 112 -4.96 6.37 9.73
C ARG A 112 -5.27 4.88 9.92
N GLY A 113 -4.31 4.01 9.66
CA GLY A 113 -4.46 2.57 9.98
C GLY A 113 -4.48 1.62 8.79
N GLY A 114 -4.90 0.38 9.04
CA GLY A 114 -4.67 -0.73 8.10
C GLY A 114 -5.67 -0.86 6.97
N SER A 115 -5.36 -1.78 6.05
CA SER A 115 -6.08 -2.10 4.80
C SER A 115 -6.71 -0.87 4.15
N PRO A 116 -5.89 0.16 3.90
CA PRO A 116 -6.50 1.42 3.48
C PRO A 116 -7.28 1.29 2.17
N LEU A 117 -6.82 0.48 1.21
CA LEU A 117 -7.53 0.41 -0.08
C LEU A 117 -8.96 -0.11 0.08
N GLN A 118 -9.09 -1.23 0.80
CA GLN A 118 -10.38 -1.85 1.06
C GLN A 118 -11.24 -0.94 1.94
N ASN A 119 -10.63 -0.30 2.92
CA ASN A 119 -11.39 0.66 3.76
C ASN A 119 -11.91 1.87 2.95
N LEU A 120 -11.13 2.34 1.97
CA LEU A 120 -11.54 3.45 1.09
C LEU A 120 -12.67 3.04 0.12
N ILE A 121 -12.49 1.90 -0.55
CA ILE A 121 -13.48 1.38 -1.51
C ILE A 121 -14.79 1.01 -0.83
N GLU A 122 -14.75 0.32 0.32
CA GLU A 122 -15.97 0.18 1.18
C GLU A 122 -16.71 1.46 1.45
N ARG A 123 -15.98 2.55 1.66
CA ARG A 123 -16.60 3.81 1.94
C ARG A 123 -17.09 4.53 0.65
N GLY A 124 -17.06 3.87 -0.50
CA GLY A 124 -17.46 4.49 -1.76
C GLY A 124 -16.55 5.62 -2.26
N ILE A 125 -15.29 5.64 -1.83
CA ILE A 125 -14.41 6.72 -2.22
C ILE A 125 -13.72 6.37 -3.56
N LYS A 126 -13.71 7.34 -4.48
CA LYS A 126 -13.11 7.11 -5.80
C LYS A 126 -11.79 7.83 -6.04
N LYS A 127 -11.44 8.76 -5.16
CA LYS A 127 -10.16 9.45 -5.22
C LYS A 127 -9.60 9.67 -3.80
N THR A 128 -8.30 9.44 -3.64
CA THR A 128 -7.64 9.63 -2.35
C THR A 128 -6.34 10.41 -2.57
N LYS A 129 -5.51 10.51 -1.54
CA LYS A 129 -4.16 11.04 -1.69
C LYS A 129 -3.19 10.01 -1.14
N ILE A 130 -2.00 9.99 -1.71
CA ILE A 130 -0.88 9.25 -1.14
C ILE A 130 -0.09 10.25 -0.30
N SER A 131 0.03 9.99 1.01
CA SER A 131 0.80 10.81 1.92
C SER A 131 2.14 10.14 2.23
N ALA A 132 3.22 10.87 1.95
CA ALA A 132 4.56 10.47 2.39
C ALA A 132 4.73 10.99 3.81
N ILE A 133 4.96 10.09 4.76
CA ILE A 133 5.09 10.43 6.18
C ILE A 133 6.31 9.84 6.85
N LYS A 134 6.79 10.54 7.86
CA LYS A 134 7.94 10.10 8.64
C LYS A 134 7.44 9.21 9.75
N VAL A 135 7.88 7.97 9.74
CA VAL A 135 7.47 6.99 10.76
C VAL A 135 7.86 7.47 12.18
N ASP A 136 6.92 7.42 13.11
CA ASP A 136 7.16 7.87 14.50
C ASP A 136 6.68 6.88 15.54
N GLY A 137 6.39 5.65 15.14
CA GLY A 137 5.92 4.65 16.12
C GLY A 137 4.42 4.58 16.42
N GLY A 138 3.70 5.68 16.23
CA GLY A 138 2.22 5.65 16.28
C GLY A 138 1.65 5.15 14.96
N ILE A 139 0.35 4.85 14.96
CA ILE A 139 -0.33 4.34 13.77
C ILE A 139 -0.58 5.49 12.80
N ASP A 140 0.33 5.67 11.86
CA ASP A 140 0.22 6.65 10.79
C ASP A 140 0.02 8.09 11.30
N THR A 141 0.68 8.41 12.42
CA THR A 141 0.59 9.72 13.08
C THR A 141 1.73 10.67 12.70
N GLY A 142 2.68 10.17 11.91
CA GLY A 142 3.88 10.90 11.59
C GLY A 142 3.72 12.16 10.75
N ASP A 143 4.70 13.04 10.85
CA ASP A 143 4.74 14.28 10.09
C ASP A 143 4.69 13.98 8.59
N ILE A 144 4.00 14.84 7.86
CA ILE A 144 3.74 14.61 6.42
C ILE A 144 4.73 15.42 5.61
N PHE A 145 5.45 14.77 4.70
CA PHE A 145 6.34 15.46 3.77
C PHE A 145 5.56 16.18 2.68
N PHE A 146 4.64 15.44 2.04
CA PHE A 146 3.70 15.97 1.00
C PHE A 146 2.78 14.84 0.47
N LYS A 147 1.83 15.22 -0.38
CA LYS A 147 0.76 14.34 -0.86
C LYS A 147 0.63 14.43 -2.37
N ARG A 148 0.12 13.35 -2.98
CA ARG A 148 -0.24 13.33 -4.41
C ARG A 148 -1.59 12.64 -4.59
N ASP A 149 -2.38 13.07 -5.58
CA ASP A 149 -3.68 12.46 -5.87
C ASP A 149 -3.56 11.03 -6.45
N LEU A 150 -4.56 10.22 -6.15
CA LEU A 150 -4.66 8.83 -6.62
C LEU A 150 -6.12 8.45 -6.87
N ASP A 151 -6.40 7.99 -8.08
CA ASP A 151 -7.71 7.46 -8.43
C ASP A 151 -7.86 5.99 -7.99
N LEU A 152 -9.08 5.60 -7.58
CA LEU A 152 -9.34 4.28 -7.03
C LEU A 152 -10.30 3.41 -7.88
N TYR A 153 -10.32 3.62 -9.19
CA TYR A 153 -11.02 2.71 -10.08
C TYR A 153 -10.14 1.49 -10.42
N GLY A 154 -10.77 0.36 -10.76
CA GLY A 154 -10.05 -0.90 -11.16
C GLY A 154 -9.85 -1.91 -10.02
N THR A 155 -8.99 -2.90 -10.25
CA THR A 155 -8.72 -3.92 -9.27
C THR A 155 -7.66 -3.40 -8.27
N ALA A 156 -7.52 -4.07 -7.14
CA ALA A 156 -6.44 -3.76 -6.21
C ALA A 156 -5.07 -3.71 -6.88
N GLU A 157 -4.73 -4.73 -7.68
CA GLU A 157 -3.50 -4.79 -8.39
C GLU A 157 -3.27 -3.57 -9.28
N GLU A 158 -4.29 -3.18 -10.04
CA GLU A 158 -4.23 -2.01 -10.92
C GLU A 158 -4.01 -0.71 -10.12
N ILE A 159 -4.69 -0.60 -8.99
CA ILE A 159 -4.59 0.59 -8.16
C ILE A 159 -3.22 0.65 -7.47
N PHE A 160 -2.75 -0.47 -6.95
CA PHE A 160 -1.43 -0.52 -6.31
C PHE A 160 -0.31 -0.24 -7.32
N MSE A 161 -0.45 -0.73 -8.55
CA MSE A 161 0.54 -0.39 -9.58
C MSE A 161 0.49 1.09 -9.99
O MSE A 161 1.51 1.70 -10.27
CB MSE A 161 0.40 -1.32 -10.81
CG MSE A 161 0.69 -2.77 -10.46
SE MSE A 161 0.60 -3.90 -12.08
CE MSE A 161 -1.06 -3.70 -12.53
N ARG A 162 -0.70 1.65 -10.05
CA ARG A 162 -0.89 3.08 -10.32
C ARG A 162 -0.23 3.93 -9.21
N ALA A 163 -0.43 3.53 -7.96
CA ALA A 163 0.17 4.21 -6.81
C ALA A 163 1.69 4.10 -6.84
N SER A 164 2.18 2.90 -7.12
CA SER A 164 3.62 2.60 -7.16
C SER A 164 4.31 3.49 -8.19
N LYS A 165 3.66 3.64 -9.36
CA LYS A 165 4.19 4.50 -10.39
C LYS A 165 4.29 5.98 -9.93
N ILE A 166 3.28 6.46 -9.21
CA ILE A 166 3.32 7.81 -8.63
C ILE A 166 4.45 7.94 -7.60
N ILE A 167 4.62 6.92 -6.77
CA ILE A 167 5.59 6.94 -5.72
C ILE A 167 7.01 6.98 -6.30
N PHE A 168 7.26 6.09 -7.26
CA PHE A 168 8.60 5.95 -7.84
C PHE A 168 8.96 7.01 -8.87
N ASN A 169 7.99 7.49 -9.64
CA ASN A 169 8.31 8.44 -10.72
C ASN A 169 8.24 9.88 -10.27
N ASP A 170 7.42 10.17 -9.25
CA ASP A 170 7.17 11.55 -8.81
C ASP A 170 7.62 11.79 -7.37
N MSE A 171 7.09 11.02 -6.42
CA MSE A 171 7.30 11.32 -5.01
C MSE A 171 8.73 11.09 -4.50
O MSE A 171 9.29 11.97 -3.85
CB MSE A 171 6.28 10.58 -4.15
CG MSE A 171 4.84 10.95 -4.53
SE MSE A 171 3.55 10.10 -3.35
CE MSE A 171 3.53 11.41 -1.88
N ILE A 172 9.30 9.91 -4.76
CA ILE A 172 10.65 9.60 -4.35
C ILE A 172 11.68 10.59 -4.93
N PRO A 173 11.68 10.82 -6.26
CA PRO A 173 12.59 11.86 -6.81
C PRO A 173 12.47 13.25 -6.16
N GLU A 174 11.24 13.69 -5.92
CA GLU A 174 11.01 14.98 -5.26
C GLU A 174 11.55 15.00 -3.83
N LEU A 175 11.17 13.99 -3.06
CA LEU A 175 11.69 13.83 -1.69
C LEU A 175 13.22 13.88 -1.61
N LEU A 176 13.90 13.07 -2.42
CA LEU A 176 15.38 12.98 -2.36
C LEU A 176 16.04 14.26 -2.89
N THR A 177 15.36 14.96 -3.80
CA THR A 177 15.92 16.17 -4.39
C THR A 177 15.66 17.42 -3.56
N LYS A 178 14.42 17.63 -3.17
CA LYS A 178 14.08 18.81 -2.39
C LYS A 178 14.35 18.63 -0.90
N ARG A 179 14.32 17.38 -0.42
CA ARG A 179 14.54 17.07 1.00
C ARG A 179 13.66 17.96 1.90
N PRO A 180 12.33 17.91 1.69
CA PRO A 180 11.46 18.80 2.46
C PRO A 180 11.34 18.40 3.93
N VAL A 181 11.07 19.40 4.76
CA VAL A 181 10.84 19.20 6.18
C VAL A 181 9.37 18.78 6.34
N PRO A 182 9.11 17.63 6.98
CA PRO A 182 7.72 17.17 7.08
C PRO A 182 6.94 17.97 8.12
N GLN A 183 5.63 18.12 7.94
CA GLN A 183 4.81 18.99 8.80
C GLN A 183 3.81 18.21 9.64
N LYS A 184 3.63 18.59 10.91
CA LYS A 184 2.70 17.88 11.78
C LYS A 184 1.32 17.75 11.13
N GLN A 185 0.67 16.62 11.36
CA GLN A 185 -0.71 16.43 10.96
C GLN A 185 -1.62 17.34 11.78
N GLU A 186 -2.59 17.92 11.10
CA GLU A 186 -3.55 18.81 11.73
C GLU A 186 -4.95 18.37 11.36
N GLY A 187 -5.84 18.44 12.34
CA GLY A 187 -7.25 18.18 12.12
C GLY A 187 -7.70 16.88 12.74
N GLU A 188 -9.00 16.64 12.68
CA GLU A 188 -9.60 15.46 13.29
C GLU A 188 -9.16 14.25 12.50
N ALA A 189 -8.83 13.19 13.24
CA ALA A 189 -8.36 11.94 12.70
C ALA A 189 -9.50 10.93 12.63
N THR A 190 -9.36 10.01 11.68
CA THR A 190 -10.22 8.84 11.57
C THR A 190 -9.29 7.63 11.55
N VAL A 191 -9.73 6.52 12.13
CA VAL A 191 -8.88 5.35 12.19
C VAL A 191 -9.56 4.15 11.52
N PHE A 192 -8.81 3.60 10.58
CA PHE A 192 -9.16 2.39 9.87
C PHE A 192 -8.60 1.21 10.63
N GLN A 193 -9.27 0.07 10.49
CA GLN A 193 -8.80 -1.19 11.05
C GLN A 193 -8.34 -2.15 9.96
N ARG A 194 -7.36 -2.97 10.32
CA ARG A 194 -6.82 -3.96 9.43
C ARG A 194 -7.92 -4.99 9.17
N ARG A 195 -8.14 -5.34 7.91
CA ARG A 195 -9.20 -6.27 7.60
C ARG A 195 -8.66 -7.71 7.72
N LYS A 196 -9.48 -8.64 8.21
CA LYS A 196 -9.12 -10.06 8.28
C LYS A 196 -9.57 -10.83 7.01
N PRO A 197 -8.97 -11.99 6.70
CA PRO A 197 -9.41 -12.83 5.56
C PRO A 197 -10.90 -13.19 5.56
N GLU A 198 -11.48 -13.41 6.75
CA GLU A 198 -12.91 -13.70 6.86
C GLU A 198 -13.80 -12.55 6.33
N GLN A 199 -13.29 -11.32 6.34
CA GLN A 199 -14.07 -10.16 5.89
C GLN A 199 -14.12 -10.03 4.35
N SER A 200 -13.47 -10.98 3.67
CA SER A 200 -13.64 -11.16 2.22
C SER A 200 -14.99 -11.76 1.76
N GLU A 201 -15.79 -12.25 2.72
CA GLU A 201 -17.05 -12.88 2.43
C GLU A 201 -18.09 -11.84 1.96
N ILE A 202 -18.69 -12.09 0.80
CA ILE A 202 -19.71 -11.22 0.23
C ILE A 202 -21.07 -11.64 0.84
N SER A 203 -21.85 -10.67 1.31
CA SER A 203 -23.20 -10.95 1.82
C SER A 203 -24.21 -10.97 0.71
N PRO A 204 -25.27 -11.82 0.85
CA PRO A 204 -26.33 -11.78 -0.16
C PRO A 204 -27.11 -10.46 -0.17
N ASP A 205 -26.94 -9.62 0.84
CA ASP A 205 -27.67 -8.34 0.92
C ASP A 205 -26.94 -7.16 0.25
N PHE A 206 -25.73 -7.41 -0.24
CA PHE A 206 -24.99 -6.39 -0.98
C PHE A 206 -25.70 -6.11 -2.29
N ASP A 207 -25.78 -4.84 -2.68
CA ASP A 207 -26.20 -4.54 -4.04
C ASP A 207 -25.13 -4.92 -5.08
N LEU A 208 -25.48 -4.89 -6.36
CA LEU A 208 -24.56 -5.38 -7.38
C LEU A 208 -23.23 -4.59 -7.45
N GLU A 209 -23.27 -3.26 -7.30
CA GLU A 209 -22.06 -2.43 -7.34
C GLU A 209 -21.18 -2.74 -6.14
N LYS A 210 -21.78 -3.00 -4.97
CA LYS A 210 -21.00 -3.37 -3.79
C LYS A 210 -20.31 -4.72 -3.97
N ILE A 211 -21.00 -5.69 -4.58
CA ILE A 211 -20.38 -6.96 -4.96
C ILE A 211 -19.19 -6.76 -5.88
N TYR A 212 -19.38 -5.95 -6.92
CA TYR A 212 -18.31 -5.57 -7.83
C TYR A 212 -17.09 -4.97 -7.08
N ASP A 213 -17.37 -4.03 -6.18
CA ASP A 213 -16.32 -3.37 -5.35
C ASP A 213 -15.59 -4.39 -4.56
N TYR A 214 -16.31 -5.29 -3.89
CA TYR A 214 -15.66 -6.39 -3.10
C TYR A 214 -14.72 -7.28 -3.93
N ILE A 215 -15.19 -7.74 -5.09
CA ILE A 215 -14.37 -8.56 -5.95
C ILE A 215 -13.11 -7.80 -6.43
N ARG A 216 -13.29 -6.60 -6.96
CA ARG A 216 -12.13 -5.85 -7.49
C ARG A 216 -11.12 -5.43 -6.39
N MSE A 217 -11.62 -5.06 -5.21
CA MSE A 217 -10.78 -4.50 -4.14
C MSE A 217 -9.92 -5.60 -3.50
O MSE A 217 -8.92 -5.28 -2.87
CB MSE A 217 -11.58 -3.77 -3.07
CG MSE A 217 -12.20 -4.66 -1.99
SE MSE A 217 -13.42 -3.66 -0.83
CE MSE A 217 -13.61 -5.06 0.65
N LEU A 218 -10.32 -6.86 -3.67
CA LEU A 218 -9.56 -8.02 -3.22
C LEU A 218 -8.80 -8.82 -4.29
N ASP A 219 -8.82 -8.31 -5.53
CA ASP A 219 -8.22 -8.91 -6.71
C ASP A 219 -6.82 -8.34 -6.91
N GLY A 220 -5.85 -8.95 -6.22
CA GLY A 220 -4.45 -8.54 -6.35
C GLY A 220 -3.51 -9.49 -5.65
N GLU A 221 -2.23 -9.39 -6.02
CA GLU A 221 -1.20 -10.32 -5.59
C GLU A 221 -1.20 -10.38 -4.08
N GLY A 222 -1.42 -11.60 -3.57
CA GLY A 222 -1.28 -11.89 -2.14
C GLY A 222 -2.54 -11.60 -1.32
N TYR A 223 -3.63 -11.15 -1.94
CA TYR A 223 -4.84 -10.77 -1.21
C TYR A 223 -5.85 -11.89 -1.22
N PRO A 224 -6.66 -12.05 -0.12
CA PRO A 224 -7.69 -13.09 -0.04
C PRO A 224 -8.91 -12.69 -0.85
N ARG A 225 -9.15 -13.39 -1.95
CA ARG A 225 -10.24 -13.02 -2.85
C ARG A 225 -11.61 -12.95 -2.18
N ALA A 226 -12.48 -12.13 -2.76
CA ALA A 226 -13.86 -12.05 -2.36
C ALA A 226 -14.50 -13.43 -2.57
N PHE A 227 -15.31 -13.84 -1.62
CA PHE A 227 -15.90 -15.18 -1.68
C PHE A 227 -17.32 -15.28 -1.11
N ILE A 228 -18.02 -16.33 -1.53
CA ILE A 228 -19.17 -16.85 -0.82
C ILE A 228 -18.97 -18.33 -0.42
N LYS A 229 -19.70 -18.79 0.59
CA LYS A 229 -19.76 -20.21 0.97
C LYS A 229 -21.00 -20.87 0.31
N TYR A 230 -20.89 -22.12 -0.15
CA TYR A 230 -22.03 -22.86 -0.69
C TYR A 230 -21.83 -24.28 -0.21
N GLY A 231 -22.58 -24.66 0.82
CA GLY A 231 -22.27 -25.85 1.62
C GLY A 231 -20.82 -25.87 2.10
N LYS A 232 -20.14 -26.98 1.88
CA LYS A 232 -18.70 -27.06 2.19
C LYS A 232 -17.78 -26.32 1.21
N TYR A 233 -18.34 -25.81 0.12
CA TYR A 233 -17.54 -25.12 -0.91
C TYR A 233 -17.31 -23.65 -0.60
N ARG A 234 -16.15 -23.17 -1.06
CA ARG A 234 -15.87 -21.75 -1.16
C ARG A 234 -15.76 -21.33 -2.60
N LEU A 235 -16.50 -20.28 -2.98
CA LEU A 235 -16.41 -19.75 -4.35
C LEU A 235 -15.66 -18.43 -4.31
N GLU A 236 -14.45 -18.40 -4.88
CA GLU A 236 -13.62 -17.21 -4.86
C GLU A 236 -13.67 -16.52 -6.22
N PHE A 237 -13.89 -15.22 -6.23
CA PHE A 237 -14.11 -14.47 -7.45
C PHE A 237 -12.95 -13.54 -7.78
N SER A 238 -12.73 -13.35 -9.08
CA SER A 238 -11.77 -12.36 -9.57
C SER A 238 -12.13 -11.91 -10.99
N ARG A 239 -11.42 -10.87 -11.46
CA ARG A 239 -11.55 -10.34 -12.79
C ARG A 239 -13.02 -10.00 -13.15
N ALA A 240 -13.61 -9.21 -12.28
CA ALA A 240 -14.97 -8.79 -12.44
C ALA A 240 -15.12 -7.72 -13.50
N SER A 241 -16.22 -7.75 -14.24
CA SER A 241 -16.51 -6.74 -15.25
C SER A 241 -18.01 -6.53 -15.23
N MSE A 242 -18.41 -5.28 -15.16
CA MSE A 242 -19.79 -4.93 -15.01
C MSE A 242 -20.46 -4.81 -16.37
O MSE A 242 -19.96 -4.18 -17.29
CB MSE A 242 -19.93 -3.66 -14.15
CG MSE A 242 -21.36 -3.20 -14.00
SE MSE A 242 -22.31 -4.41 -12.72
CE MSE A 242 -21.60 -3.54 -11.05
N LYS A 243 -21.61 -5.46 -16.51
CA LYS A 243 -22.43 -5.38 -17.69
C LYS A 243 -23.87 -4.92 -17.25
N ASN A 244 -24.78 -4.77 -18.19
CA ASN A 244 -26.12 -4.39 -17.84
C ASN A 244 -26.77 -5.49 -17.03
N GLY A 245 -27.08 -5.19 -15.77
CA GLY A 245 -27.80 -6.14 -14.92
C GLY A 245 -27.01 -7.32 -14.38
N LYS A 246 -25.71 -7.37 -14.65
CA LYS A 246 -24.90 -8.50 -14.20
C LYS A 246 -23.41 -8.18 -14.09
N ILE A 247 -22.71 -8.99 -13.34
CA ILE A 247 -21.22 -8.98 -13.30
C ILE A 247 -20.77 -10.29 -13.93
N ILE A 248 -19.81 -10.21 -14.82
CA ILE A 248 -19.07 -11.35 -15.34
C ILE A 248 -17.74 -11.42 -14.61
N ALA A 249 -17.43 -12.60 -14.09
CA ALA A 249 -16.19 -12.80 -13.32
C ALA A 249 -15.66 -14.21 -13.53
N ASP A 250 -14.42 -14.43 -13.09
CA ASP A 250 -13.82 -15.77 -12.94
C ASP A 250 -14.18 -16.18 -11.55
N VAL A 251 -14.40 -17.48 -11.40
CA VAL A 251 -14.66 -18.10 -10.12
C VAL A 251 -13.80 -19.38 -9.98
N GLU A 252 -13.31 -19.59 -8.75
CA GLU A 252 -12.79 -20.88 -8.32
C GLU A 252 -13.76 -21.51 -7.33
N ILE A 253 -14.24 -22.69 -7.66
CA ILE A 253 -15.13 -23.48 -6.80
C ILE A 253 -14.25 -24.48 -6.11
N ILE A 254 -13.95 -24.18 -4.83
CA ILE A 254 -12.91 -24.88 -4.11
C ILE A 254 -13.52 -25.83 -3.11
N GLU A 255 -13.06 -27.08 -3.14
CA GLU A 255 -13.67 -28.06 -2.24
C GLU A 255 -13.03 -27.99 -0.87
N GLY A 256 -13.84 -28.15 0.16
CA GLY A 256 -13.34 -28.05 1.55
C GLY A 256 -12.57 -29.29 1.94
UNK UNX B . -2.80 0.22 -13.45
UNK UNX C . -1.00 -8.11 1.09
UNK UNX D . 5.23 -8.19 12.31
UNK UNX E . -2.74 -14.43 -5.54
UNK UNX F . -10.57 -2.64 -14.14
UNK UNX G . -12.00 -8.01 -10.28
UNK UNX H . -3.55 3.82 -15.01
UNK UNX I . 3.85 1.72 -3.75
UNK UNX J . -17.25 -10.50 -20.80
UNK UNX K . 1.79 -2.09 -2.96
UNK UNX L . -5.18 0.77 -15.06
UNK UNX M . -27.18 -0.83 -15.85
UNK UNX N . -17.91 -23.22 3.22
UNK UNX O . 0.71 3.76 -1.16
UNK UNX P . -9.38 -27.98 -2.39
UNK UNX Q . -2.90 18.62 2.93
UNK UNX R . -2.82 16.86 -4.04
#